data_4QK8
#
_entry.id   4QK8
#
_cell.length_a   114.868
_cell.length_b   114.868
_cell.length_c   114.709
_cell.angle_alpha   90.00
_cell.angle_beta   90.00
_cell.angle_gamma   120.00
#
_symmetry.space_group_name_H-M   'P 31 2 1'
#
loop_
_entity.id
_entity.type
_entity.pdbx_description
1 polymer 'C-di-AMP riboswitch'
2 non-polymer "(2R,3R,3aS,5R,7aR,9R,10R,10aS,12R,14aR)-2,9-bis(6-amino-9H-purin-9-yl)octahydro-2H,7H-difuro[3,2-d:3',2'-j][1,3,7,9,2,8 ]tetraoxadiphosphacyclododecine-3,5,10,12-tetrol 5,12-dioxide"
3 non-polymer 'MAGNESIUM ION'
4 non-polymer 'POTASSIUM ION'
5 non-polymer 'SULFATE ION'
6 water water
#
_entity_poly.entity_id   1
_entity_poly.type   'polyribonucleotide'
_entity_poly.pdbx_seq_one_letter_code
;(GTP)GUUGCCGAAUCCGAAAGGUACGGAGGAACCGCUUUUUGGGGUUAAUCUGCAGUGAAGCUGCAGUAGGGAUACCUU
CUGUCCCGCACCCGACAGCUAACUCCGGAGGCAAUAAAGGAAGGA(23G)
;
_entity_poly.pdbx_strand_id   A
#